data_1YRP
#
_entry.id   1YRP
#
_cell.length_a   53.560
_cell.length_b   60.930
_cell.length_c   87.950
_cell.angle_alpha   90.00
_cell.angle_beta   92.17
_cell.angle_gamma   90.00
#
_symmetry.space_group_name_H-M   'P 1 21 1'
#
loop_
_entity.id
_entity.type
_entity.pdbx_description
1 polymer 'Death-associated protein kinase 3'
2 non-polymer 2,3-DIHYDROXY-1,4-DITHIOBUTANE
#
_entity_poly.entity_id   1
_entity_poly.type   'polypeptide(L)'
_entity_poly.pdbx_seq_one_letter_code
;GMSTFRQEDVEDHYEMGEELGSGQFAIVRKCRQKGTGKEYAAKFIKKRRLSSSRRGVSREEIEREVNILREIRHPNIITL
HDIFENKTDVVLILELVSGGELFDFLAEKESLTEDEATQFLKQILDGVHYLHSKRIAHFDLKPENIMLLDKNVPNPRIKL
IDFGIAHKIEAGNEFKNIFGTPEFVAPEIVNYEPLGLEADMWSIGVITYILLSGASPFLGETKQETLTNISAVNYDFDEE
YFSNTSELAKDFIRRLLVKDPKRRM(TPO)IAQSLEHSWIKA
;
_entity_poly.pdbx_strand_id   A,B
#
loop_
_chem_comp.id
_chem_comp.type
_chem_comp.name
_chem_comp.formula
DTT non-polymer 2,3-DIHYDROXY-1,4-DITHIOBUTANE 'C4 H10 O2 S2'
#
# COMPACT_ATOMS: atom_id res chain seq x y z
N SER A 3 0.31 26.54 5.39
CA SER A 3 0.56 26.48 6.87
C SER A 3 2.04 26.26 7.18
N THR A 4 2.42 26.54 8.43
CA THR A 4 3.82 26.43 8.88
C THR A 4 3.92 25.74 10.25
N PHE A 5 4.76 24.71 10.30
CA PHE A 5 5.00 23.95 11.52
C PHE A 5 6.30 24.42 12.14
N ARG A 6 6.61 23.93 13.34
CA ARG A 6 7.82 24.35 14.04
C ARG A 6 9.07 23.82 13.37
N GLN A 7 9.80 24.69 12.68
CA GLN A 7 11.10 24.36 12.10
C GLN A 7 12.16 24.28 13.18
N GLU A 8 12.08 23.22 13.98
CA GLU A 8 12.97 23.01 15.12
C GLU A 8 13.26 21.52 15.29
N ASP A 9 14.29 21.22 16.07
CA ASP A 9 14.61 19.85 16.42
C ASP A 9 13.61 19.38 17.46
N VAL A 10 12.86 18.34 17.14
CA VAL A 10 11.91 17.73 18.08
C VAL A 10 12.64 17.18 19.31
N GLU A 11 13.88 16.74 19.11
CA GLU A 11 14.70 16.17 20.18
C GLU A 11 14.97 17.17 21.31
N ASP A 12 14.92 18.46 21.01
CA ASP A 12 15.13 19.52 22.01
C ASP A 12 14.04 19.60 23.06
N HIS A 13 12.81 19.23 22.67
CA HIS A 13 11.65 19.38 23.56
C HIS A 13 11.03 18.05 24.01
N TYR A 14 11.35 16.94 23.33
CA TYR A 14 10.78 15.63 23.64
C TYR A 14 11.83 14.54 23.58
N GLU A 15 11.86 13.66 24.58
CA GLU A 15 12.78 12.52 24.62
C GLU A 15 12.15 11.31 23.96
N MET A 16 12.87 10.69 23.01
CA MET A 16 12.35 9.52 22.30
C MET A 16 12.74 8.21 22.95
N GLY A 17 11.97 7.17 22.64
CA GLY A 17 12.26 5.82 23.09
C GLY A 17 11.35 4.79 22.42
N GLU A 18 11.00 3.75 23.18
CA GLU A 18 10.08 2.69 22.77
C GLU A 18 9.24 2.99 21.51
N GLU A 19 9.51 2.26 20.43
CA GLU A 19 8.74 2.39 19.19
C GLU A 19 7.40 1.68 19.33
N LEU A 20 6.33 2.32 18.85
CA LEU A 20 4.98 1.79 18.97
C LEU A 20 4.51 1.21 17.64
N GLY A 21 3.76 1.97 16.86
CA GLY A 21 3.32 1.56 15.53
C GLY A 21 4.46 1.63 14.52
N SER A 22 4.21 1.05 13.35
CA SER A 22 5.14 1.07 12.23
C SER A 22 4.36 1.20 10.93
N GLY A 23 3.82 2.39 10.68
CA GLY A 23 3.06 2.66 9.46
C GLY A 23 3.92 2.59 8.21
N GLN A 24 3.30 2.79 7.05
CA GLN A 24 4.01 2.68 5.77
C GLN A 24 5.18 3.67 5.68
N PHE A 25 4.86 4.97 5.55
CA PHE A 25 5.87 6.03 5.63
C PHE A 25 5.85 6.68 7.01
N ALA A 26 4.93 6.23 7.87
CA ALA A 26 4.80 6.73 9.24
C ALA A 26 5.53 5.84 10.25
N ILE A 27 6.33 6.45 11.12
CA ILE A 27 6.97 5.76 12.23
C ILE A 27 6.52 6.43 13.53
N VAL A 28 5.90 5.65 14.41
CA VAL A 28 5.41 6.16 15.70
C VAL A 28 6.39 5.78 16.78
N ARG A 29 6.69 6.72 17.67
CA ARG A 29 7.57 6.47 18.82
C ARG A 29 6.99 7.06 20.10
N LYS A 30 7.11 6.32 21.19
CA LYS A 30 6.69 6.80 22.50
C LYS A 30 7.71 7.82 22.97
N CYS A 31 7.24 9.01 23.37
CA CYS A 31 8.15 10.08 23.79
C CYS A 31 7.70 10.76 25.09
N ARG A 32 8.58 11.61 25.63
CA ARG A 32 8.40 12.23 26.94
C ARG A 32 8.69 13.72 26.88
N GLN A 33 7.70 14.54 27.26
CA GLN A 33 7.85 16.00 27.25
C GLN A 33 8.79 16.44 28.36
N LYS A 34 9.76 17.29 28.02
CA LYS A 34 10.78 17.72 28.96
C LYS A 34 10.30 18.79 29.94
N GLY A 35 9.50 19.72 29.46
CA GLY A 35 9.00 20.82 30.29
C GLY A 35 8.11 20.39 31.46
N THR A 36 7.41 19.27 31.30
CA THR A 36 6.47 18.79 32.30
C THR A 36 6.76 17.37 32.80
N GLY A 37 7.17 16.50 31.88
CA GLY A 37 7.34 15.08 32.20
C GLY A 37 6.22 14.22 31.61
N LYS A 38 5.18 14.88 31.11
CA LYS A 38 4.04 14.20 30.47
C LYS A 38 4.50 13.38 29.26
N GLU A 39 3.90 12.19 29.10
CA GLU A 39 4.23 11.30 27.99
C GLU A 39 3.30 11.55 26.79
N TYR A 40 3.89 11.59 25.59
CA TYR A 40 3.16 11.79 24.34
C TYR A 40 3.57 10.74 23.31
N ALA A 41 2.86 10.74 22.18
CA ALA A 41 3.16 9.85 21.06
C ALA A 41 3.58 10.67 19.85
N ALA A 42 4.81 10.45 19.38
CA ALA A 42 5.36 11.22 18.26
C ALA A 42 5.26 10.42 16.95
N LYS A 43 4.59 11.01 15.96
CA LYS A 43 4.39 10.38 14.66
C LYS A 43 5.31 11.05 13.64
N PHE A 44 6.32 10.30 13.19
CA PHE A 44 7.25 10.78 12.16
C PHE A 44 6.71 10.52 10.76
N ILE A 45 6.45 11.57 10.00
CA ILE A 45 6.00 11.44 8.61
C ILE A 45 7.09 11.85 7.63
N LYS A 46 7.64 10.88 6.92
CA LYS A 46 8.68 11.13 5.92
C LYS A 46 8.07 11.95 4.78
N LYS A 47 8.82 12.94 4.31
CA LYS A 47 8.34 13.83 3.25
C LYS A 47 8.75 13.31 1.88
N ARG A 48 7.83 13.42 0.92
CA ARG A 48 8.08 13.08 -0.47
C ARG A 48 9.29 13.88 -0.93
N ARG A 49 10.36 13.19 -1.33
CA ARG A 49 11.66 13.82 -1.60
C ARG A 49 11.69 14.56 -2.95
N LEU A 50 12.83 14.55 -3.65
CA LEU A 50 12.97 15.24 -4.93
C LEU A 50 11.71 15.06 -5.78
N SER A 51 11.30 16.15 -6.43
CA SER A 51 9.99 16.23 -7.11
C SER A 51 9.26 14.90 -7.27
N SER A 52 9.75 14.04 -8.18
CA SER A 52 9.06 12.80 -8.53
C SER A 52 9.55 11.59 -7.71
N SER A 53 8.80 11.27 -6.66
CA SER A 53 9.13 10.13 -5.79
C SER A 53 7.90 9.59 -5.04
N ARG A 54 8.12 8.47 -4.36
CA ARG A 54 7.06 7.75 -3.62
C ARG A 54 7.50 7.30 -2.23
N ARG A 55 8.79 7.38 -1.92
CA ARG A 55 9.27 7.18 -0.56
C ARG A 55 8.96 8.43 0.26
N GLY A 56 7.79 8.40 0.91
CA GLY A 56 7.33 9.50 1.75
C GLY A 56 5.98 10.01 1.33
N VAL A 57 5.34 10.74 2.24
CA VAL A 57 4.05 11.35 1.97
C VAL A 57 4.28 12.75 1.41
N SER A 58 3.39 13.16 0.51
CA SER A 58 3.45 14.48 -0.11
C SER A 58 3.19 15.54 0.95
N ARG A 59 3.80 16.71 0.77
CA ARG A 59 3.65 17.81 1.72
C ARG A 59 2.18 18.18 1.83
N GLU A 60 1.52 18.36 0.69
CA GLU A 60 0.11 18.75 0.66
C GLU A 60 -0.77 17.76 1.41
N GLU A 61 -0.40 16.47 1.34
CA GLU A 61 -1.14 15.41 2.02
C GLU A 61 -0.91 15.43 3.53
N ILE A 62 0.26 15.88 3.97
CA ILE A 62 0.57 15.97 5.39
C ILE A 62 -0.22 17.11 6.04
N GLU A 63 -0.31 18.25 5.35
CA GLU A 63 -1.05 19.41 5.86
C GLU A 63 -2.50 19.03 6.09
N ARG A 64 -3.09 18.36 5.11
CA ARG A 64 -4.46 17.87 5.19
C ARG A 64 -4.73 17.15 6.51
N GLU A 65 -3.82 16.26 6.90
CA GLU A 65 -3.96 15.51 8.16
C GLU A 65 -3.90 16.43 9.36
N VAL A 66 -2.93 17.35 9.36
CA VAL A 66 -2.77 18.30 10.45
C VAL A 66 -4.04 19.12 10.59
N ASN A 67 -4.48 19.71 9.47
CA ASN A 67 -5.70 20.52 9.45
C ASN A 67 -6.89 19.84 10.10
N ILE A 68 -7.03 18.55 9.81
CA ILE A 68 -8.16 17.76 10.34
C ILE A 68 -8.02 17.57 11.85
N LEU A 69 -6.81 17.26 12.31
CA LEU A 69 -6.55 17.11 13.74
C LEU A 69 -6.74 18.43 14.51
N ARG A 70 -6.50 19.55 13.83
CA ARG A 70 -6.69 20.87 14.45
C ARG A 70 -8.16 21.12 14.77
N GLU A 71 -9.04 20.96 13.78
CA GLU A 71 -10.49 21.13 13.97
C GLU A 71 -11.02 20.18 15.04
N ILE A 72 -10.59 18.92 14.91
CA ILE A 72 -11.06 17.81 15.72
C ILE A 72 -11.04 18.06 17.24
N ARG A 73 -12.14 17.72 17.90
CA ARG A 73 -12.32 17.97 19.33
C ARG A 73 -13.47 17.10 19.86
N HIS A 74 -13.14 15.91 20.34
CA HIS A 74 -14.14 14.96 20.82
C HIS A 74 -13.49 13.91 21.73
N PRO A 75 -14.16 13.54 22.84
CA PRO A 75 -13.56 12.61 23.81
C PRO A 75 -13.06 11.29 23.24
N ASN A 76 -13.75 10.76 22.23
CA ASN A 76 -13.38 9.50 21.59
C ASN A 76 -12.47 9.70 20.36
N ILE A 77 -11.61 10.71 20.41
CA ILE A 77 -10.85 11.12 19.23
C ILE A 77 -9.53 11.76 19.68
N ILE A 78 -8.45 11.44 18.96
CA ILE A 78 -7.08 11.84 19.31
C ILE A 78 -6.89 13.37 19.25
N THR A 79 -5.96 13.90 20.04
CA THR A 79 -5.63 15.33 20.01
C THR A 79 -4.18 15.56 19.59
N LEU A 80 -3.97 16.61 18.80
CA LEU A 80 -2.66 17.01 18.30
C LEU A 80 -2.16 18.17 19.15
N HIS A 81 -1.02 18.00 19.81
CA HIS A 81 -0.47 19.03 20.71
C HIS A 81 0.52 19.95 19.99
N ASP A 82 1.51 19.36 19.31
CA ASP A 82 2.51 20.12 18.57
C ASP A 82 2.80 19.54 17.19
N ILE A 83 3.42 20.35 16.34
CA ILE A 83 3.87 19.94 15.02
C ILE A 83 5.26 20.52 14.72
N PHE A 84 6.23 19.63 14.51
CA PHE A 84 7.60 20.03 14.19
C PHE A 84 7.92 19.67 12.74
N GLU A 85 9.06 20.15 12.24
CA GLU A 85 9.49 19.85 10.88
C GLU A 85 10.98 20.08 10.65
N ASN A 86 11.57 19.24 9.80
CA ASN A 86 12.93 19.43 9.30
C ASN A 86 12.99 19.02 7.82
N LYS A 87 14.19 18.99 7.25
CA LYS A 87 14.37 18.58 5.85
C LYS A 87 13.60 17.31 5.48
N THR A 88 13.73 16.28 6.31
CA THR A 88 13.27 14.94 5.94
C THR A 88 11.89 14.57 6.46
N ASP A 89 11.58 14.96 7.70
CA ASP A 89 10.36 14.53 8.37
C ASP A 89 9.53 15.67 8.94
N VAL A 90 8.21 15.47 8.99
CA VAL A 90 7.31 16.28 9.79
C VAL A 90 6.95 15.42 11.00
N VAL A 91 6.99 16.00 12.19
CA VAL A 91 6.78 15.23 13.42
C VAL A 91 5.52 15.72 14.15
N LEU A 92 4.46 14.92 14.09
CA LEU A 92 3.24 15.22 14.86
C LEU A 92 3.37 14.68 16.26
N ILE A 93 3.40 15.58 17.24
CA ILE A 93 3.27 15.21 18.65
C ILE A 93 1.79 15.00 18.92
N LEU A 94 1.44 13.78 19.30
CA LEU A 94 0.05 13.37 19.50
C LEU A 94 -0.21 12.91 20.92
N GLU A 95 -1.50 12.80 21.27
CA GLU A 95 -1.93 12.18 22.50
C GLU A 95 -1.44 10.74 22.56
N LEU A 96 -1.03 10.29 23.76
CA LEU A 96 -0.61 8.91 23.94
C LEU A 96 -1.76 8.07 24.48
N VAL A 97 -2.08 7.00 23.75
CA VAL A 97 -3.09 6.05 24.17
C VAL A 97 -2.39 4.72 24.45
N SER A 98 -2.10 4.47 25.73
CA SER A 98 -1.25 3.36 26.14
C SER A 98 -1.93 1.99 26.16
N GLY A 99 -3.26 1.96 26.17
CA GLY A 99 -4.00 0.72 26.38
C GLY A 99 -4.09 -0.23 25.21
N GLY A 100 -3.21 -0.10 24.22
CA GLY A 100 -3.13 -1.05 23.12
C GLY A 100 -4.28 -0.94 22.12
N GLU A 101 -4.09 -1.55 20.96
CA GLU A 101 -5.10 -1.53 19.90
C GLU A 101 -6.28 -2.45 20.22
N LEU A 102 -7.40 -2.24 19.53
CA LEU A 102 -8.59 -3.08 19.69
C LEU A 102 -8.36 -4.49 19.13
N PHE A 103 -7.57 -4.58 18.07
CA PHE A 103 -7.17 -5.87 17.49
C PHE A 103 -6.49 -6.73 18.55
N ASP A 104 -5.51 -6.15 19.23
CA ASP A 104 -4.79 -6.85 20.30
C ASP A 104 -5.76 -7.32 21.38
N PHE A 105 -6.64 -6.43 21.82
CA PHE A 105 -7.62 -6.73 22.86
C PHE A 105 -8.52 -7.91 22.48
N LEU A 106 -9.00 -7.91 21.24
CA LEU A 106 -9.94 -8.94 20.77
C LEU A 106 -9.39 -10.35 20.94
N ALA A 107 -8.22 -10.61 20.33
CA ALA A 107 -7.63 -11.96 20.31
C ALA A 107 -7.60 -12.65 21.69
N GLU A 108 -7.33 -11.86 22.73
CA GLU A 108 -7.25 -12.38 24.09
C GLU A 108 -8.63 -12.66 24.73
N LYS A 109 -9.72 -12.23 24.07
CA LYS A 109 -11.07 -12.46 24.60
C LYS A 109 -11.89 -13.61 23.98
N GLU A 110 -11.47 -14.28 22.90
CA GLU A 110 -11.41 -13.82 21.49
C GLU A 110 -12.72 -13.25 20.91
N SER A 111 -13.87 -13.45 21.59
CA SER A 111 -15.17 -12.99 21.08
C SER A 111 -16.06 -12.35 22.15
N LEU A 112 -16.68 -11.23 21.78
CA LEU A 112 -17.43 -10.38 22.72
C LEU A 112 -18.92 -10.72 22.73
N THR A 113 -19.60 -10.37 23.82
CA THR A 113 -21.06 -10.47 23.89
C THR A 113 -21.67 -9.23 23.24
N GLU A 114 -22.91 -9.33 22.77
CA GLU A 114 -23.55 -8.22 22.05
C GLU A 114 -23.60 -6.93 22.87
N ASP A 115 -23.85 -7.05 24.18
CA ASP A 115 -23.83 -5.89 25.07
C ASP A 115 -22.42 -5.27 25.15
N GLU A 116 -21.40 -6.12 25.25
CA GLU A 116 -20.01 -5.66 25.20
C GLU A 116 -19.72 -5.03 23.83
N ALA A 117 -20.08 -5.75 22.76
CA ALA A 117 -19.83 -5.30 21.41
C ALA A 117 -20.41 -3.90 21.15
N THR A 118 -21.62 -3.66 21.67
CA THR A 118 -22.28 -2.37 21.52
C THR A 118 -21.68 -1.29 22.40
N GLN A 119 -21.02 -1.68 23.50
CA GLN A 119 -20.31 -0.74 24.36
C GLN A 119 -19.15 -0.10 23.61
N PHE A 120 -18.39 -0.93 22.89
CA PHE A 120 -17.34 -0.44 21.99
C PHE A 120 -17.95 0.34 20.82
N LEU A 121 -19.00 -0.21 20.22
CA LEU A 121 -19.59 0.35 19.01
C LEU A 121 -20.14 1.75 19.23
N LYS A 122 -20.85 1.95 20.34
CA LYS A 122 -21.44 3.25 20.66
C LYS A 122 -20.38 4.34 20.60
N GLN A 123 -19.23 4.06 21.20
CA GLN A 123 -18.13 5.01 21.24
C GLN A 123 -17.61 5.38 19.85
N ILE A 124 -17.50 4.37 18.99
CA ILE A 124 -17.10 4.56 17.60
C ILE A 124 -18.10 5.45 16.90
N LEU A 125 -19.37 5.04 16.97
CA LEU A 125 -20.45 5.75 16.29
C LEU A 125 -20.55 7.20 16.74
N ASP A 126 -20.25 7.47 18.01
CA ASP A 126 -20.19 8.84 18.52
C ASP A 126 -19.06 9.63 17.86
N GLY A 127 -17.87 9.03 17.84
CA GLY A 127 -16.70 9.65 17.22
C GLY A 127 -16.87 9.86 15.73
N VAL A 128 -17.39 8.84 15.05
CA VAL A 128 -17.65 8.94 13.61
C VAL A 128 -18.78 9.93 13.31
N HIS A 129 -19.78 10.00 14.20
CA HIS A 129 -20.87 10.97 14.05
C HIS A 129 -20.35 12.39 14.09
N TYR A 130 -19.52 12.69 15.08
CA TYR A 130 -18.91 14.01 15.21
C TYR A 130 -18.18 14.44 13.93
N LEU A 131 -17.37 13.52 13.39
CA LEU A 131 -16.59 13.78 12.17
C LEU A 131 -17.48 14.04 10.96
N HIS A 132 -18.51 13.22 10.80
CA HIS A 132 -19.43 13.32 9.67
C HIS A 132 -20.24 14.60 9.72
N SER A 133 -20.48 15.12 10.93
CA SER A 133 -21.12 16.41 11.12
C SER A 133 -20.30 17.52 10.47
N LYS A 134 -18.99 17.45 10.67
CA LYS A 134 -18.03 18.41 10.09
C LYS A 134 -17.59 17.98 8.67
N ARG A 135 -18.31 17.02 8.10
CA ARG A 135 -18.03 16.48 6.77
C ARG A 135 -16.59 15.95 6.64
N ILE A 136 -16.18 15.16 7.63
CA ILE A 136 -14.87 14.52 7.63
C ILE A 136 -15.04 13.01 7.55
N ALA A 137 -14.40 12.40 6.57
CA ALA A 137 -14.42 10.94 6.40
C ALA A 137 -13.06 10.39 6.78
N HIS A 138 -13.03 9.51 7.79
CA HIS A 138 -11.79 8.90 8.28
C HIS A 138 -11.14 8.05 7.19
N PHE A 139 -11.98 7.23 6.55
CA PHE A 139 -11.60 6.33 5.46
C PHE A 139 -10.76 5.12 5.86
N ASP A 140 -10.37 5.04 7.14
CA ASP A 140 -9.44 3.99 7.59
C ASP A 140 -9.85 3.42 8.94
N LEU A 141 -11.16 3.28 9.13
CA LEU A 141 -11.70 2.71 10.36
C LEU A 141 -11.43 1.20 10.37
N LYS A 142 -10.63 0.76 11.35
CA LYS A 142 -10.30 -0.64 11.51
C LYS A 142 -9.76 -0.86 12.93
N PRO A 143 -9.79 -2.12 13.41
CA PRO A 143 -9.30 -2.45 14.76
C PRO A 143 -7.91 -1.89 15.11
N GLU A 144 -7.03 -1.71 14.12
CA GLU A 144 -5.69 -1.17 14.38
C GLU A 144 -5.70 0.34 14.67
N ASN A 145 -6.71 1.04 14.15
CA ASN A 145 -6.88 2.47 14.40
C ASN A 145 -7.91 2.79 15.48
N ILE A 146 -8.23 1.80 16.31
CA ILE A 146 -9.13 1.98 17.45
C ILE A 146 -8.38 1.59 18.73
N MET A 147 -7.93 2.60 19.47
CA MET A 147 -7.07 2.40 20.64
C MET A 147 -7.84 2.55 21.95
N LEU A 148 -7.56 1.67 22.91
CA LEU A 148 -8.19 1.69 24.22
C LEU A 148 -7.39 2.54 25.19
N LEU A 149 -8.08 3.34 26.01
CA LEU A 149 -7.40 4.12 27.05
C LEU A 149 -6.79 3.18 28.08
N ASP A 150 -7.64 2.39 28.71
CA ASP A 150 -7.21 1.37 29.68
C ASP A 150 -7.79 0.04 29.26
N LYS A 151 -6.92 -0.95 29.08
CA LYS A 151 -7.36 -2.27 28.61
C LYS A 151 -7.92 -3.16 29.73
N ASN A 152 -7.45 -2.96 30.96
CA ASN A 152 -7.80 -3.85 32.07
C ASN A 152 -9.04 -3.40 32.88
N VAL A 153 -9.96 -2.71 32.21
CA VAL A 153 -11.24 -2.32 32.81
C VAL A 153 -12.39 -2.99 32.02
N PRO A 154 -13.50 -3.31 32.71
CA PRO A 154 -14.59 -4.14 32.15
C PRO A 154 -15.11 -3.77 30.74
N ASN A 155 -15.51 -2.51 30.57
CA ASN A 155 -15.94 -2.01 29.24
C ASN A 155 -15.02 -0.86 28.81
N PRO A 156 -13.90 -1.19 28.14
CA PRO A 156 -12.83 -0.23 27.86
C PRO A 156 -13.26 0.92 26.94
N ARG A 157 -12.67 2.09 27.16
CA ARG A 157 -13.05 3.30 26.44
C ARG A 157 -12.00 3.65 25.40
N ILE A 158 -12.47 4.07 24.22
CA ILE A 158 -11.61 4.14 23.03
C ILE A 158 -11.47 5.55 22.44
N LYS A 159 -10.35 5.77 21.76
CA LYS A 159 -10.13 6.96 20.96
C LYS A 159 -9.71 6.54 19.55
N LEU A 160 -10.17 7.29 18.55
CA LEU A 160 -9.83 7.01 17.16
C LEU A 160 -8.49 7.67 16.80
N ILE A 161 -7.68 6.95 16.02
CA ILE A 161 -6.34 7.43 15.67
C ILE A 161 -6.04 7.27 14.16
N ASP A 162 -4.95 7.90 13.71
CA ASP A 162 -4.47 7.80 12.33
C ASP A 162 -5.43 8.48 11.34
N PHE A 163 -5.08 9.69 10.92
CA PHE A 163 -5.89 10.44 9.96
C PHE A 163 -5.13 10.79 8.68
N GLY A 164 -4.04 10.06 8.39
CA GLY A 164 -3.23 10.33 7.21
C GLY A 164 -3.94 10.15 5.88
N ILE A 165 -5.15 9.60 5.96
CA ILE A 165 -5.95 9.18 4.82
C ILE A 165 -7.32 9.85 4.85
N ALA A 166 -7.68 10.45 5.98
CA ALA A 166 -8.93 11.18 6.14
C ALA A 166 -8.97 12.43 5.26
N HIS A 167 -10.13 12.66 4.64
CA HIS A 167 -10.39 13.86 3.85
C HIS A 167 -11.64 14.54 4.37
N LYS A 168 -11.74 15.85 4.12
CA LYS A 168 -13.00 16.55 4.25
C LYS A 168 -13.78 16.37 2.96
N ILE A 169 -14.99 15.81 3.04
CA ILE A 169 -15.84 15.67 1.85
C ILE A 169 -16.63 16.97 1.70
N GLU A 170 -15.88 18.06 1.49
CA GLU A 170 -16.45 19.38 1.34
C GLU A 170 -16.57 19.60 -0.15
N ALA A 171 -17.69 19.13 -0.70
CA ALA A 171 -17.74 18.89 -2.13
C ALA A 171 -19.12 19.04 -2.78
N GLY A 172 -19.14 19.89 -3.79
CA GLY A 172 -19.99 19.70 -4.97
C GLY A 172 -19.00 19.28 -6.04
N ASN A 173 -18.06 18.45 -5.63
CA ASN A 173 -16.87 18.09 -6.36
C ASN A 173 -16.95 16.60 -6.62
N GLU A 174 -15.85 16.01 -7.10
CA GLU A 174 -15.73 14.57 -7.24
C GLU A 174 -14.54 14.18 -6.40
N PHE A 175 -14.68 13.12 -5.61
CA PHE A 175 -13.56 12.60 -4.84
C PHE A 175 -13.44 11.10 -5.00
N LYS A 176 -12.38 10.68 -5.68
CA LYS A 176 -12.07 9.28 -5.88
C LYS A 176 -10.60 9.05 -5.56
N ASN A 177 -10.30 7.89 -5.00
CA ASN A 177 -8.94 7.31 -4.98
C ASN A 177 -8.93 6.03 -4.18
N ILE A 178 -7.80 5.34 -4.23
CA ILE A 178 -7.67 4.03 -3.62
C ILE A 178 -6.76 4.15 -2.41
N PHE A 179 -7.31 3.86 -1.23
CA PHE A 179 -6.54 3.88 0.01
C PHE A 179 -7.22 3.04 1.09
N GLY A 180 -6.47 2.77 2.16
CA GLY A 180 -6.97 1.95 3.26
C GLY A 180 -6.50 0.51 3.15
N THR A 181 -6.94 -0.32 4.09
CA THR A 181 -6.61 -1.73 4.11
C THR A 181 -7.68 -2.50 3.35
N PRO A 182 -7.29 -3.31 2.36
CA PRO A 182 -8.23 -4.10 1.55
C PRO A 182 -9.40 -4.72 2.33
N GLU A 183 -9.12 -5.35 3.47
CA GLU A 183 -10.16 -6.02 4.25
C GLU A 183 -11.36 -5.12 4.59
N PHE A 184 -11.09 -3.84 4.84
CA PHE A 184 -12.09 -2.91 5.37
C PHE A 184 -12.64 -1.90 4.37
N VAL A 185 -12.03 -1.78 3.19
CA VAL A 185 -12.47 -0.79 2.21
C VAL A 185 -13.80 -1.16 1.55
N ALA A 186 -14.63 -0.14 1.31
CA ALA A 186 -15.93 -0.30 0.68
C ALA A 186 -15.79 -0.48 -0.83
N PRO A 187 -16.83 -1.06 -1.48
CA PRO A 187 -16.77 -1.39 -2.91
C PRO A 187 -16.43 -0.21 -3.83
N GLU A 188 -16.87 1.00 -3.46
CA GLU A 188 -16.61 2.19 -4.27
C GLU A 188 -15.12 2.53 -4.32
N ILE A 189 -14.41 2.21 -3.24
CA ILE A 189 -12.95 2.37 -3.19
C ILE A 189 -12.30 1.28 -4.04
N VAL A 190 -12.87 0.08 -3.99
CA VAL A 190 -12.36 -1.05 -4.75
C VAL A 190 -12.57 -0.83 -6.24
N ASN A 191 -13.76 -0.33 -6.60
CA ASN A 191 -14.09 -0.07 -8.01
C ASN A 191 -13.60 1.29 -8.54
N TYR A 192 -13.04 2.12 -7.65
CA TYR A 192 -12.62 3.47 -8.00
C TYR A 192 -13.81 4.25 -8.54
N GLU A 193 -14.78 4.44 -7.66
CA GLU A 193 -16.02 5.16 -7.94
C GLU A 193 -16.13 6.30 -6.91
N PRO A 194 -17.04 7.27 -7.14
CA PRO A 194 -17.16 8.43 -6.24
C PRO A 194 -17.28 8.05 -4.76
N LEU A 195 -16.59 8.79 -3.90
CA LEU A 195 -16.57 8.50 -2.47
C LEU A 195 -17.27 9.60 -1.67
N GLY A 196 -17.78 9.21 -0.50
CA GLY A 196 -18.40 10.14 0.43
C GLY A 196 -18.19 9.66 1.86
N LEU A 197 -19.09 10.04 2.76
CA LEU A 197 -19.02 9.60 4.15
C LEU A 197 -19.45 8.14 4.28
N GLU A 198 -20.07 7.62 3.23
CA GLU A 198 -20.69 6.30 3.26
C GLU A 198 -19.66 5.17 3.44
N ALA A 199 -18.44 5.37 2.94
CA ALA A 199 -17.38 4.36 3.06
C ALA A 199 -17.09 3.99 4.51
N ASP A 200 -17.10 4.98 5.40
CA ASP A 200 -16.88 4.72 6.83
C ASP A 200 -17.98 3.83 7.43
N MET A 201 -19.20 3.96 6.92
CA MET A 201 -20.31 3.13 7.39
C MET A 201 -20.16 1.69 6.95
N TRP A 202 -19.54 1.49 5.78
CA TRP A 202 -19.16 0.14 5.36
C TRP A 202 -18.13 -0.45 6.32
N SER A 203 -17.10 0.33 6.65
CA SER A 203 -16.02 -0.12 7.55
C SER A 203 -16.56 -0.55 8.91
N ILE A 204 -17.49 0.23 9.47
CA ILE A 204 -18.09 -0.09 10.76
C ILE A 204 -18.85 -1.41 10.67
N GLY A 205 -19.57 -1.60 9.58
CA GLY A 205 -20.21 -2.89 9.32
C GLY A 205 -19.22 -4.03 9.40
N VAL A 206 -18.03 -3.82 8.84
CA VAL A 206 -16.98 -4.84 8.84
C VAL A 206 -16.42 -5.02 10.24
N ILE A 207 -16.18 -3.92 10.93
CA ILE A 207 -15.68 -3.95 12.31
C ILE A 207 -16.67 -4.72 13.20
N THR A 208 -17.96 -4.38 13.08
CA THR A 208 -19.01 -5.04 13.84
C THR A 208 -19.03 -6.55 13.61
N TYR A 209 -18.92 -6.96 12.34
CA TYR A 209 -18.82 -8.37 11.99
C TYR A 209 -17.66 -9.03 12.74
N ILE A 210 -16.53 -8.34 12.76
CA ILE A 210 -15.32 -8.81 13.46
C ILE A 210 -15.51 -8.82 14.98
N LEU A 211 -16.23 -7.84 15.51
CA LEU A 211 -16.46 -7.78 16.96
C LEU A 211 -17.27 -8.97 17.45
N LEU A 212 -18.30 -9.33 16.69
CA LEU A 212 -19.18 -10.42 17.08
C LEU A 212 -18.58 -11.78 16.74
N SER A 213 -18.16 -11.95 15.49
CA SER A 213 -17.66 -13.24 15.01
C SER A 213 -16.18 -13.48 15.30
N GLY A 214 -15.38 -12.41 15.26
CA GLY A 214 -13.92 -12.55 15.35
C GLY A 214 -13.29 -12.63 13.97
N ALA A 215 -14.04 -13.12 12.99
CA ALA A 215 -13.57 -13.25 11.61
C ALA A 215 -13.85 -11.99 10.81
N SER A 216 -13.08 -11.80 9.74
CA SER A 216 -13.30 -10.69 8.82
C SER A 216 -14.17 -11.17 7.67
N PRO A 217 -15.32 -10.52 7.44
CA PRO A 217 -16.34 -11.04 6.51
C PRO A 217 -15.88 -11.25 5.06
N PHE A 218 -14.88 -10.48 4.61
CA PHE A 218 -14.50 -10.45 3.19
C PHE A 218 -13.13 -10.99 2.85
N LEU A 219 -12.31 -11.32 3.85
CA LEU A 219 -10.95 -11.80 3.62
C LEU A 219 -10.95 -13.15 2.91
N GLY A 220 -10.10 -13.29 1.90
CA GLY A 220 -9.92 -14.55 1.18
C GLY A 220 -8.47 -14.98 1.25
N GLU A 221 -8.12 -15.98 0.45
CA GLU A 221 -6.77 -16.55 0.47
C GLU A 221 -5.75 -15.70 -0.29
N THR A 222 -6.23 -14.80 -1.15
CA THR A 222 -5.38 -13.86 -1.87
C THR A 222 -5.96 -12.47 -1.76
N LYS A 223 -5.17 -11.47 -2.13
CA LYS A 223 -5.63 -10.09 -2.16
C LYS A 223 -6.72 -9.96 -3.23
N GLN A 224 -6.45 -10.52 -4.40
CA GLN A 224 -7.43 -10.58 -5.50
C GLN A 224 -8.82 -10.98 -4.99
N GLU A 225 -8.85 -12.07 -4.22
CA GLU A 225 -10.10 -12.66 -3.75
C GLU A 225 -10.78 -11.78 -2.71
N THR A 226 -9.99 -11.21 -1.81
CA THR A 226 -10.53 -10.28 -0.81
C THR A 226 -11.33 -9.17 -1.51
N LEU A 227 -10.77 -8.61 -2.57
CA LEU A 227 -11.39 -7.50 -3.30
C LEU A 227 -12.60 -7.93 -4.14
N THR A 228 -12.54 -9.12 -4.72
CA THR A 228 -13.67 -9.73 -5.41
C THR A 228 -14.88 -9.80 -4.48
N ASN A 229 -14.66 -10.33 -3.29
CA ASN A 229 -15.72 -10.49 -2.29
C ASN A 229 -16.36 -9.18 -1.90
N ILE A 230 -15.56 -8.12 -1.85
CA ILE A 230 -16.03 -6.80 -1.44
C ILE A 230 -16.91 -6.16 -2.50
N SER A 231 -16.42 -6.12 -3.74
CA SER A 231 -17.18 -5.59 -4.87
C SER A 231 -18.46 -6.41 -5.09
N ALA A 232 -18.36 -7.72 -4.93
CA ALA A 232 -19.50 -8.63 -5.03
C ALA A 232 -20.42 -8.57 -3.81
N VAL A 233 -19.87 -8.17 -2.67
CA VAL A 233 -20.56 -8.22 -1.37
C VAL A 233 -20.84 -9.69 -1.03
N ASN A 234 -19.82 -10.52 -1.19
CA ASN A 234 -19.95 -11.95 -0.92
C ASN A 234 -19.60 -12.21 0.54
N TYR A 235 -20.63 -12.30 1.36
CA TYR A 235 -20.48 -12.72 2.75
C TYR A 235 -21.80 -13.33 3.21
N ASP A 236 -21.72 -14.19 4.22
CA ASP A 236 -22.92 -14.73 4.86
C ASP A 236 -22.69 -14.89 6.36
N PHE A 237 -23.77 -14.77 7.11
CA PHE A 237 -23.74 -14.98 8.56
C PHE A 237 -23.55 -16.47 8.87
N ASP A 238 -22.29 -16.89 8.90
CA ASP A 238 -21.94 -18.31 9.09
C ASP A 238 -22.35 -18.77 10.49
N GLU A 239 -23.37 -19.62 10.55
CA GLU A 239 -23.92 -20.15 11.81
C GLU A 239 -22.83 -20.47 12.84
N GLU A 240 -21.72 -21.01 12.37
CA GLU A 240 -20.54 -21.21 13.21
C GLU A 240 -20.41 -20.11 14.27
N TYR A 241 -20.37 -18.86 13.81
CA TYR A 241 -20.26 -17.70 14.70
C TYR A 241 -21.61 -17.07 15.03
N PHE A 242 -22.49 -17.00 14.04
CA PHE A 242 -23.77 -16.28 14.17
C PHE A 242 -24.95 -17.19 14.55
N SER A 243 -24.67 -18.36 15.10
CA SER A 243 -25.72 -19.29 15.52
C SER A 243 -26.62 -18.64 16.58
N ASN A 244 -26.00 -17.93 17.51
CA ASN A 244 -26.71 -17.31 18.62
C ASN A 244 -26.71 -15.78 18.56
N THR A 245 -26.51 -15.22 17.37
CA THR A 245 -26.54 -13.77 17.20
C THR A 245 -27.96 -13.32 16.87
N SER A 246 -28.38 -12.22 17.50
CA SER A 246 -29.73 -11.69 17.35
C SER A 246 -29.99 -11.18 15.94
N GLU A 247 -31.26 -11.16 15.55
CA GLU A 247 -31.64 -10.65 14.23
C GLU A 247 -31.38 -9.15 14.10
N LEU A 248 -31.47 -8.43 15.22
CA LEU A 248 -31.19 -7.00 15.23
C LEU A 248 -29.72 -6.73 14.94
N ALA A 249 -28.84 -7.47 15.61
CA ALA A 249 -27.39 -7.38 15.38
C ALA A 249 -27.06 -7.72 13.93
N LYS A 250 -27.66 -8.80 13.42
CA LYS A 250 -27.54 -9.16 12.01
C LYS A 250 -28.01 -8.01 11.11
N ASP A 251 -29.20 -7.48 11.40
CA ASP A 251 -29.81 -6.44 10.57
C ASP A 251 -28.93 -5.20 10.49
N PHE A 252 -28.44 -4.75 11.65
CA PHE A 252 -27.50 -3.63 11.75
C PHE A 252 -26.31 -3.79 10.80
N ILE A 253 -25.67 -4.96 10.85
CA ILE A 253 -24.55 -5.26 9.95
C ILE A 253 -25.01 -5.32 8.50
N ARG A 254 -26.20 -5.89 8.30
CA ARG A 254 -26.75 -6.09 6.96
C ARG A 254 -27.22 -4.78 6.33
N ARG A 255 -27.54 -3.81 7.17
CA ARG A 255 -27.92 -2.48 6.71
C ARG A 255 -26.69 -1.58 6.49
N LEU A 256 -25.50 -2.10 6.81
CA LEU A 256 -24.24 -1.38 6.60
C LEU A 256 -23.38 -1.95 5.46
N LEU A 257 -23.52 -3.23 5.15
CA LEU A 257 -22.76 -3.83 4.05
C LEU A 257 -23.61 -3.90 2.77
N VAL A 258 -23.90 -2.72 2.22
CA VAL A 258 -24.73 -2.57 1.03
C VAL A 258 -23.89 -1.95 -0.09
N LYS A 259 -23.76 -2.66 -1.20
CA LYS A 259 -22.90 -2.20 -2.29
C LYS A 259 -23.19 -0.73 -2.61
N ASP A 260 -24.44 -0.42 -2.90
CA ASP A 260 -24.85 0.93 -3.25
C ASP A 260 -24.71 1.83 -2.02
N PRO A 261 -23.78 2.81 -2.07
CA PRO A 261 -23.53 3.68 -0.92
C PRO A 261 -24.74 4.47 -0.44
N LYS A 262 -25.67 4.77 -1.35
CA LYS A 262 -26.85 5.55 -0.99
C LYS A 262 -27.85 4.76 -0.17
N ARG A 263 -28.08 3.50 -0.54
CA ARG A 263 -28.96 2.61 0.24
C ARG A 263 -28.30 2.18 1.57
N ARG A 264 -27.00 2.40 1.70
CA ARG A 264 -26.28 2.10 2.94
C ARG A 264 -26.72 3.09 4.02
N MET A 265 -26.73 2.61 5.27
CA MET A 265 -27.10 3.44 6.42
C MET A 265 -26.15 4.62 6.61
N TPO A 266 -26.67 5.69 7.19
CA TPO A 266 -25.85 6.83 7.57
CB TPO A 266 -26.54 8.14 7.18
CG2 TPO A 266 -27.15 8.07 5.78
OG1 TPO A 266 -27.54 8.44 8.16
P TPO A 266 -28.13 9.93 8.28
O1P TPO A 266 -26.97 10.87 8.80
O2P TPO A 266 -29.39 9.97 9.24
O3P TPO A 266 -28.62 10.42 6.84
C TPO A 266 -25.57 6.74 9.03
O TPO A 266 -26.18 5.92 9.74
N ILE A 267 -24.67 7.57 9.53
CA ILE A 267 -24.22 7.50 10.92
C ILE A 267 -25.32 7.81 11.92
N ALA A 268 -26.20 8.75 11.59
CA ALA A 268 -27.28 9.12 12.50
C ALA A 268 -28.35 8.03 12.55
N GLN A 269 -28.50 7.27 11.46
CA GLN A 269 -29.44 6.13 11.45
C GLN A 269 -28.87 4.95 12.26
N SER A 270 -27.55 4.84 12.29
CA SER A 270 -26.89 3.78 13.04
C SER A 270 -27.05 3.98 14.54
N LEU A 271 -27.04 5.23 14.99
CA LEU A 271 -27.25 5.55 16.41
C LEU A 271 -28.71 5.42 16.85
N GLU A 272 -29.64 5.47 15.89
CA GLU A 272 -31.07 5.30 16.18
C GLU A 272 -31.54 3.86 16.01
N HIS A 273 -30.62 2.93 15.74
CA HIS A 273 -30.98 1.53 15.53
C HIS A 273 -31.34 0.91 16.88
N SER A 274 -32.29 -0.02 16.89
CA SER A 274 -32.74 -0.68 18.12
C SER A 274 -31.60 -1.43 18.82
N TRP A 275 -30.68 -1.96 18.01
CA TRP A 275 -29.54 -2.70 18.52
C TRP A 275 -28.54 -1.80 19.27
N ILE A 276 -28.44 -0.54 18.85
CA ILE A 276 -27.55 0.42 19.50
C ILE A 276 -28.28 1.35 20.48
N LYS A 277 -29.52 1.68 20.17
CA LYS A 277 -30.27 2.67 20.94
C LYS A 277 -30.69 2.13 22.30
N ALA A 278 -30.58 2.99 23.32
CA ALA A 278 -31.06 2.69 24.66
C ALA A 278 -32.58 2.66 24.68
N SER B 3 3.43 -26.87 -2.50
CA SER B 3 4.94 -26.93 -2.50
C SER B 3 5.52 -26.87 -1.09
N THR B 4 6.79 -27.23 -0.96
CA THR B 4 7.46 -27.27 0.34
C THR B 4 8.87 -26.67 0.24
N PHE B 5 9.15 -25.72 1.13
CA PHE B 5 10.45 -25.06 1.21
C PHE B 5 11.25 -25.68 2.35
N ARG B 6 12.51 -25.29 2.48
CA ARG B 6 13.37 -25.85 3.50
C ARG B 6 12.95 -25.39 4.89
N GLN B 7 12.35 -26.29 5.68
CA GLN B 7 12.02 -26.02 7.08
C GLN B 7 13.28 -26.10 7.92
N GLU B 8 14.13 -25.09 7.79
CA GLU B 8 15.41 -25.01 8.48
C GLU B 8 15.74 -23.57 8.82
N ASP B 9 16.69 -23.40 9.74
CA ASP B 9 17.17 -22.08 10.10
C ASP B 9 18.07 -21.59 8.97
N VAL B 10 17.70 -20.47 8.36
CA VAL B 10 18.51 -19.85 7.32
C VAL B 10 19.89 -19.44 7.85
N GLU B 11 19.93 -19.09 9.13
CA GLU B 11 21.17 -18.66 9.80
C GLU B 11 22.26 -19.74 9.80
N ASP B 12 21.85 -21.01 9.70
CA ASP B 12 22.80 -22.13 9.66
C ASP B 12 23.64 -22.18 8.39
N HIS B 13 23.08 -21.69 7.28
CA HIS B 13 23.74 -21.78 5.98
C HIS B 13 24.16 -20.44 5.37
N TYR B 14 23.63 -19.33 5.90
CA TYR B 14 23.94 -18.00 5.39
C TYR B 14 24.13 -16.99 6.52
N GLU B 15 25.20 -16.19 6.43
CA GLU B 15 25.48 -15.13 7.42
C GLU B 15 24.80 -13.83 7.01
N MET B 16 24.04 -13.23 7.91
CA MET B 16 23.34 -11.97 7.62
C MET B 16 24.14 -10.73 7.98
N GLY B 17 23.78 -9.62 7.35
CA GLY B 17 24.38 -8.33 7.64
C GLY B 17 23.64 -7.19 6.95
N GLU B 18 24.41 -6.18 6.54
CA GLU B 18 23.92 -5.02 5.79
C GLU B 18 22.53 -5.17 5.17
N GLU B 19 21.56 -4.40 5.68
CA GLU B 19 20.20 -4.38 5.12
C GLU B 19 20.16 -3.58 3.83
N LEU B 20 19.46 -4.10 2.82
CA LEU B 20 19.38 -3.46 1.51
C LEU B 20 18.03 -2.75 1.31
N GLY B 21 17.10 -3.43 0.65
CA GLY B 21 15.74 -2.90 0.50
C GLY B 21 14.93 -3.00 1.78
N SER B 22 13.78 -2.33 1.78
CA SER B 22 12.84 -2.36 2.90
C SER B 22 11.42 -2.34 2.35
N GLY B 23 11.00 -3.47 1.77
CA GLY B 23 9.65 -3.59 1.22
C GLY B 23 8.58 -3.52 2.30
N GLN B 24 7.31 -3.59 1.88
CA GLN B 24 6.18 -3.47 2.81
C GLN B 24 6.23 -4.56 3.89
N PHE B 25 5.95 -5.81 3.51
CA PHE B 25 6.11 -6.95 4.41
C PHE B 25 7.42 -7.69 4.11
N ALA B 26 8.15 -7.21 3.09
CA ALA B 26 9.43 -7.80 2.68
C ALA B 26 10.61 -7.03 3.27
N ILE B 27 11.56 -7.76 3.86
CA ILE B 27 12.81 -7.18 4.35
C ILE B 27 13.97 -7.87 3.64
N VAL B 28 14.79 -7.09 2.93
CA VAL B 28 15.92 -7.63 2.19
C VAL B 28 17.19 -7.40 2.99
N ARG B 29 18.04 -8.43 3.05
CA ARG B 29 19.33 -8.32 3.74
C ARG B 29 20.45 -8.95 2.90
N LYS B 30 21.60 -8.28 2.88
CA LYS B 30 22.78 -8.79 2.22
C LYS B 30 23.34 -9.94 3.06
N CYS B 31 23.56 -11.10 2.44
CA CYS B 31 24.05 -12.27 3.18
C CYS B 31 25.19 -12.98 2.47
N ARG B 32 25.81 -13.94 3.17
CA ARG B 32 27.03 -14.61 2.71
C ARG B 32 26.90 -16.12 2.89
N GLN B 33 27.05 -16.87 1.80
CA GLN B 33 26.96 -18.34 1.85
C GLN B 33 28.19 -18.91 2.55
N LYS B 34 27.95 -19.83 3.49
CA LYS B 34 29.03 -20.39 4.30
C LYS B 34 29.84 -21.46 3.59
N GLY B 35 29.16 -22.30 2.80
CA GLY B 35 29.81 -23.41 2.09
C GLY B 35 30.83 -22.97 1.05
N THR B 36 30.63 -21.80 0.47
CA THR B 36 31.49 -21.30 -0.60
C THR B 36 32.13 -19.94 -0.32
N GLY B 37 31.37 -19.04 0.33
CA GLY B 37 31.81 -17.67 0.54
C GLY B 37 31.12 -16.69 -0.40
N LYS B 38 30.38 -17.22 -1.37
CA LYS B 38 29.62 -16.41 -2.32
C LYS B 38 28.59 -15.55 -1.60
N GLU B 39 28.39 -14.34 -2.08
CA GLU B 39 27.41 -13.41 -1.51
C GLU B 39 26.06 -13.52 -2.21
N TYR B 40 24.99 -13.52 -1.42
CA TYR B 40 23.62 -13.58 -1.94
C TYR B 40 22.74 -12.51 -1.28
N ALA B 41 21.52 -12.37 -1.79
CA ALA B 41 20.54 -11.44 -1.23
C ALA B 41 19.37 -12.23 -0.66
N ALA B 42 19.13 -12.08 0.64
CA ALA B 42 18.06 -12.82 1.32
C ALA B 42 16.83 -11.95 1.52
N LYS B 43 15.70 -12.41 0.98
CA LYS B 43 14.43 -11.71 1.07
C LYS B 43 13.54 -12.38 2.12
N PHE B 44 13.31 -11.71 3.23
CA PHE B 44 12.42 -12.20 4.29
C PHE B 44 10.98 -11.82 4.01
N ILE B 45 10.11 -12.81 3.82
CA ILE B 45 8.69 -12.55 3.63
C ILE B 45 7.88 -12.99 4.84
N LYS B 46 7.33 -12.02 5.58
CA LYS B 46 6.50 -12.30 6.75
C LYS B 46 5.22 -12.99 6.31
N LYS B 47 4.81 -14.01 7.05
CA LYS B 47 3.62 -14.78 6.71
C LYS B 47 2.38 -14.24 7.39
N ARG B 48 1.28 -14.19 6.62
CA ARG B 48 -0.03 -13.79 7.14
C ARG B 48 -0.33 -14.65 8.35
N ARG B 49 -0.49 -14.02 9.52
CA ARG B 49 -0.58 -14.75 10.80
C ARG B 49 -1.96 -15.39 11.01
N LEU B 50 -2.46 -15.44 12.25
CA LEU B 50 -3.74 -16.09 12.57
C LEU B 50 -4.78 -15.74 11.51
N SER B 51 -5.57 -16.75 11.12
CA SER B 51 -6.45 -16.69 9.96
C SER B 51 -6.64 -15.29 9.36
N SER B 52 -7.38 -14.43 10.05
CA SER B 52 -7.75 -13.11 9.53
C SER B 52 -6.77 -12.01 9.95
N SER B 53 -5.84 -11.69 9.05
CA SER B 53 -4.85 -10.63 9.31
C SER B 53 -4.27 -10.04 8.02
N ARG B 54 -3.50 -8.97 8.19
CA ARG B 54 -2.90 -8.22 7.08
C ARG B 54 -1.42 -7.90 7.29
N ARG B 55 -0.90 -8.11 8.51
CA ARG B 55 0.53 -8.02 8.75
C ARG B 55 1.19 -9.27 8.20
N GLY B 56 1.62 -9.20 6.95
CA GLY B 56 2.30 -10.30 6.28
C GLY B 56 1.62 -10.68 4.99
N VAL B 57 2.36 -11.39 4.15
CA VAL B 57 1.84 -11.88 2.88
C VAL B 57 1.23 -13.26 3.09
N SER B 58 0.14 -13.53 2.36
CA SER B 58 -0.55 -14.82 2.42
C SER B 58 0.37 -15.91 1.90
N ARG B 59 0.21 -17.11 2.44
CA ARG B 59 1.04 -18.23 2.05
C ARG B 59 0.86 -18.50 0.56
N GLU B 60 -0.38 -18.57 0.11
CA GLU B 60 -0.69 -18.84 -1.31
C GLU B 60 -0.03 -17.81 -2.23
N GLU B 61 0.05 -16.56 -1.76
CA GLU B 61 0.68 -15.48 -2.52
C GLU B 61 2.21 -15.60 -2.57
N ILE B 62 2.80 -16.18 -1.53
CA ILE B 62 4.25 -16.39 -1.47
C ILE B 62 4.67 -17.49 -2.45
N GLU B 63 3.89 -18.57 -2.50
CA GLU B 63 4.18 -19.69 -3.40
C GLU B 63 4.19 -19.20 -4.84
N ARG B 64 3.17 -18.42 -5.19
CA ARG B 64 3.06 -17.83 -6.53
C ARG B 64 4.36 -17.17 -6.97
N GLU B 65 4.97 -16.39 -6.08
CA GLU B 65 6.22 -15.70 -6.39
C GLU B 65 7.35 -16.71 -6.60
N VAL B 66 7.45 -17.69 -5.70
CA VAL B 66 8.48 -18.72 -5.80
C VAL B 66 8.33 -19.45 -7.13
N ASN B 67 7.13 -19.92 -7.41
CA ASN B 67 6.83 -20.63 -8.67
C ASN B 67 7.32 -19.89 -9.90
N ILE B 68 7.12 -18.57 -9.91
CA ILE B 68 7.49 -17.72 -11.03
C ILE B 68 9.01 -17.63 -11.16
N LEU B 69 9.70 -17.45 -10.03
CA LEU B 69 11.16 -17.42 -10.01
C LEU B 69 11.78 -18.76 -10.43
N ARG B 70 11.08 -19.86 -10.16
CA ARG B 70 11.56 -21.20 -10.55
C ARG B 70 11.61 -21.34 -12.07
N GLU B 71 10.49 -21.05 -12.74
CA GLU B 71 10.44 -21.12 -14.21
C GLU B 71 11.45 -20.18 -14.84
N ILE B 72 11.50 -18.96 -14.32
CA ILE B 72 12.28 -17.85 -14.84
C ILE B 72 13.76 -18.21 -15.10
N ARG B 73 14.26 -17.81 -16.27
CA ARG B 73 15.61 -18.14 -16.72
C ARG B 73 16.01 -17.21 -17.89
N HIS B 74 16.62 -16.07 -17.56
CA HIS B 74 16.99 -15.06 -18.55
C HIS B 74 18.07 -14.12 -18.00
N PRO B 75 19.08 -13.78 -18.82
CA PRO B 75 20.21 -12.96 -18.32
C PRO B 75 19.82 -11.65 -17.63
N ASN B 76 18.75 -11.01 -18.11
CA ASN B 76 18.28 -9.74 -17.54
C ASN B 76 17.19 -9.94 -16.46
N ILE B 77 17.32 -11.02 -15.68
CA ILE B 77 16.27 -11.42 -14.76
C ILE B 77 16.90 -12.19 -13.58
N ILE B 78 16.39 -11.93 -12.38
CA ILE B 78 16.96 -12.46 -11.13
C ILE B 78 16.81 -14.00 -11.05
N THR B 79 17.71 -14.64 -10.30
CA THR B 79 17.63 -16.09 -10.06
C THR B 79 17.43 -16.42 -8.58
N LEU B 80 16.61 -17.44 -8.32
CA LEU B 80 16.31 -17.92 -6.97
C LEU B 80 17.15 -19.17 -6.73
N HIS B 81 17.99 -19.15 -5.70
CA HIS B 81 18.90 -20.26 -5.40
C HIS B 81 18.29 -21.21 -4.37
N ASP B 82 17.84 -20.67 -3.24
CA ASP B 82 17.23 -21.46 -2.18
C ASP B 82 15.97 -20.82 -1.61
N ILE B 83 15.18 -21.64 -0.92
CA ILE B 83 13.98 -21.19 -0.21
C ILE B 83 13.90 -21.86 1.17
N PHE B 84 13.90 -21.04 2.22
CA PHE B 84 13.80 -21.53 3.60
C PHE B 84 12.45 -21.12 4.19
N GLU B 85 12.12 -21.68 5.36
CA GLU B 85 10.87 -21.32 6.05
C GLU B 85 10.89 -21.67 7.54
N ASN B 86 10.22 -20.83 8.32
CA ASN B 86 9.93 -21.11 9.73
C ASN B 86 8.53 -20.60 10.07
N LYS B 87 8.16 -20.65 11.35
CA LYS B 87 6.86 -20.17 11.82
C LYS B 87 6.44 -18.83 11.23
N THR B 88 7.35 -17.87 11.27
CA THR B 88 7.01 -16.47 10.98
C THR B 88 7.32 -16.03 9.56
N ASP B 89 8.47 -16.45 9.02
CA ASP B 89 8.95 -15.95 7.72
C ASP B 89 9.28 -17.05 6.73
N VAL B 90 9.11 -16.75 5.44
CA VAL B 90 9.70 -17.52 4.35
C VAL B 90 10.88 -16.70 3.85
N VAL B 91 12.02 -17.35 3.64
CA VAL B 91 13.25 -16.65 3.27
C VAL B 91 13.73 -17.06 1.87
N LEU B 92 13.54 -16.19 0.89
CA LEU B 92 14.06 -16.41 -0.45
C LEU B 92 15.52 -15.98 -0.53
N ILE B 93 16.41 -16.95 -0.75
CA ILE B 93 17.79 -16.64 -1.09
C ILE B 93 17.83 -16.33 -2.58
N LEU B 94 18.24 -15.10 -2.90
CA LEU B 94 18.22 -14.59 -4.26
C LEU B 94 19.61 -14.19 -4.73
N GLU B 95 19.74 -14.00 -6.04
CA GLU B 95 20.93 -13.43 -6.65
C GLU B 95 21.17 -12.03 -6.09
N LEU B 96 22.44 -11.70 -5.85
CA LEU B 96 22.80 -10.36 -5.36
C LEU B 96 23.19 -9.47 -6.52
N VAL B 97 22.51 -8.33 -6.63
CA VAL B 97 22.81 -7.33 -7.63
C VAL B 97 23.31 -6.08 -6.90
N SER B 98 24.63 -5.93 -6.83
CA SER B 98 25.26 -4.93 -5.97
C SER B 98 25.27 -3.51 -6.55
N GLY B 99 25.06 -3.38 -7.85
CA GLY B 99 25.23 -2.09 -8.53
C GLY B 99 24.12 -1.07 -8.36
N GLY B 100 23.30 -1.21 -7.32
CA GLY B 100 22.29 -0.20 -6.98
C GLY B 100 21.13 -0.14 -7.94
N GLU B 101 20.05 0.52 -7.51
CA GLU B 101 18.83 0.62 -8.31
C GLU B 101 19.00 1.63 -9.46
N LEU B 102 18.13 1.55 -10.45
CA LEU B 102 18.15 2.47 -11.59
C LEU B 102 17.73 3.89 -11.18
N PHE B 103 16.83 3.98 -10.21
CA PHE B 103 16.43 5.27 -9.62
C PHE B 103 17.64 6.00 -9.06
N ASP B 104 18.45 5.29 -8.26
CA ASP B 104 19.68 5.87 -7.69
C ASP B 104 20.61 6.37 -8.79
N PHE B 105 20.82 5.52 -9.80
CA PHE B 105 21.69 5.84 -10.93
C PHE B 105 21.26 7.11 -11.67
N LEU B 106 19.95 7.23 -11.91
CA LEU B 106 19.40 8.36 -12.67
C LEU B 106 19.77 9.71 -12.06
N ALA B 107 19.38 9.91 -10.80
CA ALA B 107 19.57 11.19 -10.12
C ALA B 107 20.98 11.79 -10.28
N GLU B 108 22.00 10.92 -10.26
CA GLU B 108 23.39 11.36 -10.38
C GLU B 108 23.83 11.72 -11.82
N LYS B 109 23.00 11.43 -12.82
CA LYS B 109 23.33 11.75 -14.23
C LYS B 109 22.43 12.84 -14.81
N GLU B 110 21.65 13.46 -13.94
CA GLU B 110 20.17 13.35 -13.90
C GLU B 110 19.36 12.91 -15.15
N SER B 111 19.87 13.14 -16.36
CA SER B 111 19.12 12.81 -17.59
C SER B 111 19.98 12.18 -18.68
N LEU B 112 19.43 11.14 -19.32
CA LEU B 112 20.16 10.30 -20.27
C LEU B 112 19.94 10.78 -21.71
N THR B 113 20.87 10.40 -22.60
CA THR B 113 20.70 10.63 -24.03
C THR B 113 19.87 9.48 -24.62
N GLU B 114 19.20 9.72 -25.75
CA GLU B 114 18.30 8.72 -26.32
C GLU B 114 19.00 7.38 -26.62
N ASP B 115 20.25 7.45 -27.07
CA ASP B 115 21.04 6.24 -27.29
C ASP B 115 21.33 5.51 -25.98
N GLU B 116 21.66 6.26 -24.93
CA GLU B 116 21.80 5.69 -23.59
C GLU B 116 20.47 5.13 -23.10
N ALA B 117 19.42 5.92 -23.21
CA ALA B 117 18.08 5.52 -22.77
C ALA B 117 17.62 4.21 -23.41
N THR B 118 17.93 4.04 -24.68
CA THR B 118 17.56 2.81 -25.41
C THR B 118 18.47 1.64 -25.07
N GLN B 119 19.68 1.92 -24.57
CA GLN B 119 20.57 0.87 -24.09
C GLN B 119 19.99 0.18 -22.86
N PHE B 120 19.47 0.97 -21.93
CA PHE B 120 18.73 0.46 -20.78
C PHE B 120 17.43 -0.20 -21.22
N LEU B 121 16.70 0.47 -22.12
CA LEU B 121 15.36 0.03 -22.52
C LEU B 121 15.38 -1.33 -23.20
N LYS B 122 16.34 -1.53 -24.11
CA LYS B 122 16.45 -2.79 -24.84
C LYS B 122 16.50 -3.96 -23.88
N GLN B 123 17.30 -3.81 -22.82
CA GLN B 123 17.46 -4.87 -21.83
C GLN B 123 16.15 -5.18 -21.10
N ILE B 124 15.39 -4.15 -20.76
CA ILE B 124 14.08 -4.29 -20.13
C ILE B 124 13.15 -5.04 -21.07
N LEU B 125 13.05 -4.53 -22.29
CA LEU B 125 12.14 -5.09 -23.29
C LEU B 125 12.46 -6.57 -23.57
N ASP B 126 13.74 -6.94 -23.51
CA ASP B 126 14.16 -8.35 -23.64
C ASP B 126 13.62 -9.17 -22.47
N GLY B 127 13.86 -8.68 -21.26
CA GLY B 127 13.41 -9.36 -20.05
C GLY B 127 11.89 -9.46 -19.99
N VAL B 128 11.21 -8.37 -20.29
CA VAL B 128 9.75 -8.34 -20.29
C VAL B 128 9.18 -9.20 -21.43
N HIS B 129 9.90 -9.27 -22.55
CA HIS B 129 9.50 -10.12 -23.68
C HIS B 129 9.51 -11.58 -23.28
N TYR B 130 10.60 -12.01 -22.64
CA TYR B 130 10.74 -13.38 -22.16
C TYR B 130 9.58 -13.80 -21.25
N LEU B 131 9.24 -12.93 -20.30
CA LEU B 131 8.16 -13.18 -19.35
C LEU B 131 6.80 -13.28 -20.03
N HIS B 132 6.54 -12.36 -20.96
CA HIS B 132 5.26 -12.31 -21.67
C HIS B 132 5.06 -13.52 -22.57
N SER B 133 6.17 -14.09 -23.04
CA SER B 133 6.16 -15.35 -23.80
C SER B 133 5.59 -16.48 -22.96
N LYS B 134 6.02 -16.52 -21.69
CA LYS B 134 5.53 -17.51 -20.73
C LYS B 134 4.26 -17.05 -20.02
N ARG B 135 3.64 -15.99 -20.55
CA ARG B 135 2.42 -15.41 -20.00
C ARG B 135 2.56 -15.00 -18.54
N ILE B 136 3.66 -14.30 -18.25
CA ILE B 136 3.94 -13.78 -16.92
C ILE B 136 3.94 -12.25 -16.96
N ALA B 137 3.14 -11.64 -16.11
CA ALA B 137 3.07 -10.18 -16.00
C ALA B 137 3.72 -9.75 -14.69
N HIS B 138 4.77 -8.95 -14.78
CA HIS B 138 5.51 -8.49 -13.60
C HIS B 138 4.62 -7.62 -12.71
N PHE B 139 3.91 -6.70 -13.37
CA PHE B 139 2.96 -5.76 -12.74
C PHE B 139 3.59 -4.66 -11.89
N ASP B 140 4.91 -4.68 -11.72
CA ASP B 140 5.59 -3.75 -10.82
C ASP B 140 6.89 -3.22 -11.41
N LEU B 141 6.87 -2.99 -12.72
CA LEU B 141 8.03 -2.45 -13.42
C LEU B 141 8.21 -0.99 -13.07
N LYS B 142 9.32 -0.68 -12.42
CA LYS B 142 9.64 0.68 -12.02
C LYS B 142 11.13 0.78 -11.71
N PRO B 143 11.70 2.01 -11.74
CA PRO B 143 13.12 2.21 -11.45
C PRO B 143 13.67 1.51 -10.20
N GLU B 144 12.85 1.32 -9.18
CA GLU B 144 13.29 0.65 -7.94
C GLU B 144 13.46 -0.87 -8.12
N ASN B 145 12.75 -1.45 -9.08
CA ASN B 145 12.86 -2.88 -9.37
C ASN B 145 13.72 -3.18 -10.60
N ILE B 146 14.55 -2.20 -11.00
CA ILE B 146 15.49 -2.38 -12.10
C ILE B 146 16.90 -2.12 -11.56
N MET B 147 17.64 -3.21 -11.31
CA MET B 147 18.94 -3.14 -10.65
C MET B 147 20.07 -3.31 -11.66
N LEU B 148 21.13 -2.52 -11.50
CA LEU B 148 22.31 -2.57 -12.35
C LEU B 148 23.34 -3.55 -11.79
N LEU B 149 23.97 -4.33 -12.66
CA LEU B 149 25.06 -5.22 -12.23
C LEU B 149 26.25 -4.40 -11.75
N ASP B 150 26.77 -3.57 -12.64
CA ASP B 150 27.87 -2.66 -12.32
C ASP B 150 27.47 -1.25 -12.72
N LYS B 151 27.50 -0.32 -11.77
CA LYS B 151 27.06 1.06 -12.02
C LYS B 151 28.14 1.92 -12.69
N ASN B 152 29.41 1.62 -12.46
CA ASN B 152 30.51 2.45 -12.93
C ASN B 152 31.05 2.05 -14.32
N VAL B 153 30.19 1.48 -15.15
CA VAL B 153 30.54 1.16 -16.55
C VAL B 153 29.62 1.96 -17.49
N PRO B 154 30.12 2.35 -18.68
CA PRO B 154 29.44 3.29 -19.60
C PRO B 154 27.95 3.05 -19.88
N ASN B 155 27.61 1.85 -20.33
CA ASN B 155 26.21 1.47 -20.54
C ASN B 155 25.85 0.27 -19.66
N PRO B 156 25.42 0.55 -18.41
CA PRO B 156 25.25 -0.49 -17.38
C PRO B 156 24.19 -1.54 -17.73
N ARG B 157 24.40 -2.76 -17.27
CA ARG B 157 23.55 -3.89 -17.62
C ARG B 157 22.68 -4.27 -16.43
N ILE B 158 21.41 -4.58 -16.71
CA ILE B 158 20.38 -4.66 -15.67
C ILE B 158 19.74 -6.03 -15.51
N LYS B 159 19.22 -6.29 -14.32
CA LYS B 159 18.39 -7.45 -14.05
C LYS B 159 17.11 -6.97 -13.36
N LEU B 160 15.99 -7.62 -13.69
CA LEU B 160 14.71 -7.29 -13.10
C LEU B 160 14.51 -8.04 -11.77
N ILE B 161 13.95 -7.37 -10.78
CA ILE B 161 13.80 -7.92 -9.44
C ILE B 161 12.39 -7.69 -8.86
N ASP B 162 12.10 -8.38 -7.76
CA ASP B 162 10.82 -8.25 -7.05
C ASP B 162 9.64 -8.77 -7.87
N PHE B 163 9.18 -9.98 -7.54
CA PHE B 163 8.04 -10.61 -8.22
C PHE B 163 6.90 -10.95 -7.26
N GLY B 164 6.84 -10.28 -6.11
CA GLY B 164 5.80 -10.56 -5.11
C GLY B 164 4.39 -10.24 -5.57
N ILE B 165 4.31 -9.60 -6.72
CA ILE B 165 3.08 -9.04 -7.28
C ILE B 165 2.82 -9.60 -8.69
N ALA B 166 3.84 -10.24 -9.28
CA ALA B 166 3.73 -10.87 -10.59
C ALA B 166 2.79 -12.06 -10.57
N HIS B 167 1.95 -12.15 -11.61
CA HIS B 167 1.05 -13.28 -11.81
C HIS B 167 1.30 -13.88 -13.19
N LYS B 168 0.92 -15.15 -13.33
CA LYS B 168 0.79 -15.75 -14.65
C LYS B 168 -0.60 -15.42 -15.15
N ILE B 169 -0.69 -14.77 -16.32
CA ILE B 169 -1.98 -14.49 -16.95
C ILE B 169 -2.37 -15.71 -17.78
N GLU B 170 -2.53 -16.84 -17.10
CA GLU B 170 -2.87 -18.10 -17.74
C GLU B 170 -4.38 -18.23 -17.61
N ALA B 171 -5.08 -17.62 -18.58
CA ALA B 171 -6.47 -17.28 -18.36
C ALA B 171 -7.36 -17.24 -19.60
N GLY B 172 -8.42 -18.03 -19.53
CA GLY B 172 -9.70 -17.71 -20.14
C GLY B 172 -10.57 -17.32 -18.95
N ASN B 173 -9.92 -16.61 -18.02
CA ASN B 173 -10.42 -16.33 -16.70
C ASN B 173 -10.55 -14.81 -16.61
N GLU B 174 -10.81 -14.30 -15.42
CA GLU B 174 -10.83 -12.87 -15.18
C GLU B 174 -9.77 -12.62 -14.12
N PHE B 175 -8.94 -11.60 -14.32
CA PHE B 175 -7.97 -11.23 -13.32
C PHE B 175 -8.01 -9.73 -13.07
N LYS B 176 -8.44 -9.37 -11.86
CA LYS B 176 -8.48 -7.99 -11.42
C LYS B 176 -7.90 -7.91 -10.02
N ASN B 177 -7.22 -6.81 -9.74
CA ASN B 177 -6.93 -6.36 -8.36
C ASN B 177 -6.02 -5.14 -8.39
N ILE B 178 -5.85 -4.54 -7.23
CA ILE B 178 -5.12 -3.29 -7.10
C ILE B 178 -3.78 -3.56 -6.43
N PHE B 179 -2.71 -3.29 -7.16
CA PHE B 179 -1.36 -3.44 -6.63
C PHE B 179 -0.34 -2.63 -7.41
N GLY B 180 0.85 -2.47 -6.86
CA GLY B 180 1.92 -1.69 -7.47
C GLY B 180 2.00 -0.30 -6.89
N THR B 181 2.90 0.52 -7.44
CA THR B 181 3.07 1.90 -7.01
C THR B 181 2.22 2.80 -7.88
N PRO B 182 1.35 3.64 -7.26
CA PRO B 182 0.46 4.53 -7.99
C PRO B 182 1.06 5.23 -9.23
N GLU B 183 2.28 5.74 -9.12
CA GLU B 183 2.93 6.45 -10.23
C GLU B 183 2.99 5.65 -11.53
N PHE B 184 3.18 4.33 -11.39
CA PHE B 184 3.46 3.46 -12.54
C PHE B 184 2.31 2.56 -12.98
N VAL B 185 1.26 2.45 -12.18
CA VAL B 185 0.14 1.56 -12.51
C VAL B 185 -0.70 2.09 -13.68
N ALA B 186 -1.16 1.16 -14.51
CA ALA B 186 -1.99 1.47 -15.66
C ALA B 186 -3.44 1.75 -15.25
N PRO B 187 -4.20 2.43 -16.11
CA PRO B 187 -5.58 2.83 -15.79
C PRO B 187 -6.51 1.68 -15.40
N GLU B 188 -6.32 0.51 -15.98
CA GLU B 188 -7.16 -0.65 -15.65
C GLU B 188 -6.96 -1.12 -14.21
N ILE B 189 -5.76 -0.91 -13.67
CA ILE B 189 -5.48 -1.20 -12.27
C ILE B 189 -6.12 -0.12 -11.41
N VAL B 190 -6.08 1.12 -11.88
CA VAL B 190 -6.66 2.24 -11.16
C VAL B 190 -8.17 2.12 -11.13
N ASN B 191 -8.77 1.75 -12.26
CA ASN B 191 -10.24 1.60 -12.36
C ASN B 191 -10.77 0.25 -11.88
N TYR B 192 -9.86 -0.68 -11.56
CA TYR B 192 -10.23 -2.05 -11.17
C TYR B 192 -11.02 -2.69 -12.31
N GLU B 193 -10.33 -2.84 -13.43
CA GLU B 193 -10.86 -3.45 -14.65
C GLU B 193 -9.96 -4.62 -15.01
N PRO B 194 -10.41 -5.51 -15.92
CA PRO B 194 -9.64 -6.71 -16.29
C PRO B 194 -8.19 -6.41 -16.65
N LEU B 195 -7.27 -7.24 -16.17
CA LEU B 195 -5.85 -7.04 -16.39
C LEU B 195 -5.27 -8.11 -17.31
N GLY B 196 -4.18 -7.75 -17.98
CA GLY B 196 -3.42 -8.68 -18.82
C GLY B 196 -1.95 -8.31 -18.82
N LEU B 197 -1.24 -8.68 -19.89
CA LEU B 197 0.17 -8.33 -20.03
C LEU B 197 0.33 -6.85 -20.36
N GLU B 198 -0.77 -6.21 -20.75
CA GLU B 198 -0.74 -4.85 -21.27
C GLU B 198 -0.32 -3.83 -20.21
N ALA B 199 -0.62 -4.10 -18.94
CA ALA B 199 -0.25 -3.19 -17.86
C ALA B 199 1.26 -2.92 -17.80
N ASP B 200 2.06 -3.97 -18.03
CA ASP B 200 3.52 -3.81 -18.05
C ASP B 200 3.97 -2.86 -19.14
N MET B 201 3.28 -2.86 -20.28
CA MET B 201 3.61 -1.98 -21.40
C MET B 201 3.31 -0.53 -21.05
N TRP B 202 2.29 -0.30 -20.23
CA TRP B 202 2.03 1.03 -19.70
C TRP B 202 3.19 1.47 -18.79
N SER B 203 3.64 0.57 -17.90
CA SER B 203 4.74 0.89 -16.98
C SER B 203 6.02 1.29 -17.73
N ILE B 204 6.35 0.55 -18.77
CA ILE B 204 7.54 0.84 -19.57
C ILE B 204 7.42 2.21 -20.20
N GLY B 205 6.23 2.54 -20.71
CA GLY B 205 5.95 3.89 -21.20
C GLY B 205 6.27 4.95 -20.16
N VAL B 206 5.91 4.66 -18.90
CA VAL B 206 6.18 5.58 -17.79
C VAL B 206 7.67 5.63 -17.48
N ILE B 207 8.31 4.47 -17.45
CA ILE B 207 9.75 4.39 -17.20
C ILE B 207 10.50 5.18 -18.27
N THR B 208 10.14 4.96 -19.53
CA THR B 208 10.77 5.65 -20.65
C THR B 208 10.65 7.17 -20.55
N TYR B 209 9.46 7.65 -20.17
CA TYR B 209 9.23 9.07 -19.90
C TYR B 209 10.22 9.58 -18.85
N ILE B 210 10.37 8.80 -17.79
CA ILE B 210 11.30 9.11 -16.70
C ILE B 210 12.77 9.05 -17.15
N LEU B 211 13.10 8.10 -18.01
CA LEU B 211 14.47 7.97 -18.49
C LEU B 211 14.90 9.21 -19.28
N LEU B 212 14.01 9.69 -20.14
CA LEU B 212 14.31 10.83 -21.01
C LEU B 212 14.18 12.15 -20.26
N SER B 213 13.04 12.37 -19.61
CA SER B 213 12.75 13.64 -18.95
C SER B 213 13.31 13.73 -17.52
N GLY B 214 13.33 12.61 -16.80
CA GLY B 214 13.66 12.61 -15.37
C GLY B 214 12.41 12.71 -14.51
N ALA B 215 11.37 13.33 -15.03
CA ALA B 215 10.10 13.52 -14.31
C ALA B 215 9.17 12.32 -14.55
N SER B 216 8.24 12.13 -13.61
CA SER B 216 7.21 11.10 -13.75
C SER B 216 5.97 11.73 -14.38
N PRO B 217 5.51 11.18 -15.52
CA PRO B 217 4.47 11.83 -16.31
C PRO B 217 3.12 12.08 -15.59
N PHE B 218 2.81 11.27 -14.59
CA PHE B 218 1.47 11.29 -13.97
C PHE B 218 1.41 11.74 -12.52
N LEU B 219 2.56 11.94 -11.88
CA LEU B 219 2.60 12.31 -10.47
C LEU B 219 2.00 13.70 -10.26
N GLY B 220 1.16 13.82 -9.23
CA GLY B 220 0.58 15.11 -8.82
C GLY B 220 0.94 15.43 -7.39
N GLU B 221 0.27 16.43 -6.82
CA GLU B 221 0.55 16.87 -5.46
C GLU B 221 -0.09 15.99 -4.39
N THR B 222 -1.08 15.19 -4.78
CA THR B 222 -1.71 14.23 -3.89
C THR B 222 -1.81 12.87 -4.59
N LYS B 223 -2.11 11.84 -3.81
CA LYS B 223 -2.32 10.49 -4.35
C LYS B 223 -3.56 10.51 -5.25
N GLN B 224 -4.63 11.12 -4.73
CA GLN B 224 -5.86 11.34 -5.50
C GLN B 224 -5.56 11.82 -6.92
N GLU B 225 -4.75 12.86 -7.00
CA GLU B 225 -4.46 13.53 -8.27
C GLU B 225 -3.61 12.65 -9.19
N THR B 226 -2.62 11.97 -8.62
CA THR B 226 -1.81 11.03 -9.38
C THR B 226 -2.71 10.03 -10.13
N LEU B 227 -3.69 9.49 -9.42
CA LEU B 227 -4.59 8.48 -9.99
C LEU B 227 -5.58 9.06 -11.01
N THR B 228 -6.06 10.28 -10.74
CA THR B 228 -6.90 11.01 -11.69
C THR B 228 -6.20 11.13 -13.04
N ASN B 229 -4.94 11.57 -13.00
CA ASN B 229 -4.14 11.77 -14.20
C ASN B 229 -3.96 10.49 -15.00
N ILE B 230 -3.86 9.36 -14.29
CA ILE B 230 -3.61 8.06 -14.93
C ILE B 230 -4.86 7.56 -15.66
N SER B 231 -5.98 7.55 -14.95
CA SER B 231 -7.27 7.17 -15.55
C SER B 231 -7.65 8.11 -16.70
N ALA B 232 -7.37 9.40 -16.53
CA ALA B 232 -7.61 10.40 -17.57
C ALA B 232 -6.56 10.34 -18.69
N VAL B 233 -5.38 9.83 -18.38
CA VAL B 233 -4.23 9.87 -19.27
C VAL B 233 -3.84 11.32 -19.51
N ASN B 234 -3.75 12.08 -18.42
CA ASN B 234 -3.39 13.49 -18.50
C ASN B 234 -1.89 13.65 -18.39
N TYR B 235 -1.24 13.76 -19.53
CA TYR B 235 0.18 14.07 -19.61
C TYR B 235 0.46 14.76 -20.93
N ASP B 236 1.52 15.56 -20.96
CA ASP B 236 1.98 16.16 -22.21
C ASP B 236 3.51 16.21 -22.24
N PHE B 237 4.06 16.15 -23.45
CA PHE B 237 5.50 16.26 -23.65
C PHE B 237 5.93 17.70 -23.41
N ASP B 238 6.22 18.02 -22.15
CA ASP B 238 6.57 19.39 -21.74
C ASP B 238 7.90 19.80 -22.34
N GLU B 239 7.85 20.73 -23.30
CA GLU B 239 9.05 21.22 -24.02
C GLU B 239 10.27 21.38 -23.12
N GLU B 240 10.04 21.86 -21.89
CA GLU B 240 11.08 21.91 -20.87
C GLU B 240 12.05 20.74 -21.03
N TYR B 241 11.52 19.52 -20.98
CA TYR B 241 12.34 18.31 -21.11
C TYR B 241 12.39 17.79 -22.54
N PHE B 242 11.25 17.83 -23.23
CA PHE B 242 11.12 17.23 -24.56
C PHE B 242 11.34 18.20 -25.71
N SER B 243 12.01 19.31 -25.45
CA SER B 243 12.33 20.30 -26.50
C SER B 243 13.15 19.65 -27.60
N ASN B 244 14.13 18.85 -27.21
CA ASN B 244 15.06 18.23 -28.14
C ASN B 244 14.89 16.71 -28.23
N THR B 245 13.71 16.20 -27.88
CA THR B 245 13.43 14.78 -27.99
C THR B 245 12.85 14.46 -29.37
N SER B 246 13.32 13.37 -29.97
CA SER B 246 12.89 12.97 -31.32
C SER B 246 11.43 12.57 -31.35
N GLU B 247 10.82 12.68 -32.54
CA GLU B 247 9.43 12.29 -32.73
C GLU B 247 9.24 10.78 -32.54
N LEU B 248 10.26 10.01 -32.89
CA LEU B 248 10.21 8.56 -32.71
C LEU B 248 10.14 8.20 -31.23
N ALA B 249 11.03 8.80 -30.43
CA ALA B 249 11.04 8.61 -28.99
C ALA B 249 9.69 8.99 -28.38
N LYS B 250 9.17 10.13 -28.80
CA LYS B 250 7.82 10.57 -28.40
C LYS B 250 6.78 9.53 -28.79
N ASP B 251 6.82 9.08 -30.04
CA ASP B 251 5.82 8.14 -30.57
C ASP B 251 5.80 6.84 -29.79
N PHE B 252 6.99 6.29 -29.55
CA PHE B 252 7.18 5.10 -28.73
C PHE B 252 6.45 5.22 -27.39
N ILE B 253 6.69 6.32 -26.67
CA ILE B 253 6.03 6.57 -25.39
C ILE B 253 4.53 6.76 -25.59
N ARG B 254 4.16 7.43 -26.68
CA ARG B 254 2.77 7.77 -26.98
C ARG B 254 1.97 6.54 -27.41
N ARG B 255 2.69 5.54 -27.93
CA ARG B 255 2.07 4.28 -28.32
C ARG B 255 1.98 3.31 -27.14
N LEU B 256 2.54 3.69 -25.99
CA LEU B 256 2.50 2.87 -24.77
C LEU B 256 1.58 3.42 -23.68
N LEU B 257 1.33 4.73 -23.67
CA LEU B 257 0.42 5.35 -22.70
C LEU B 257 -0.96 5.56 -23.32
N VAL B 258 -1.65 4.45 -23.59
CA VAL B 258 -2.97 4.44 -24.22
C VAL B 258 -3.97 3.82 -23.25
N LYS B 259 -4.98 4.59 -22.84
CA LYS B 259 -5.96 4.12 -21.86
C LYS B 259 -6.43 2.70 -22.19
N ASP B 260 -6.96 2.53 -23.39
CA ASP B 260 -7.47 1.23 -23.83
C ASP B 260 -6.29 0.24 -23.96
N PRO B 261 -6.26 -0.81 -23.12
CA PRO B 261 -5.14 -1.76 -23.13
C PRO B 261 -4.94 -2.47 -24.47
N LYS B 262 -6.01 -2.62 -25.25
CA LYS B 262 -5.93 -3.33 -26.53
C LYS B 262 -5.25 -2.50 -27.60
N ARG B 263 -5.55 -1.20 -27.65
CA ARG B 263 -4.86 -0.29 -28.59
C ARG B 263 -3.42 -0.01 -28.15
N ARG B 264 -3.07 -0.37 -26.91
CA ARG B 264 -1.71 -0.21 -26.40
C ARG B 264 -0.78 -1.21 -27.08
N MET B 265 0.47 -0.80 -27.28
CA MET B 265 1.48 -1.66 -27.90
C MET B 265 1.75 -2.90 -27.08
N TPO B 266 2.14 -3.98 -27.77
CA TPO B 266 2.56 -5.20 -27.10
CB TPO B 266 1.97 -6.41 -27.83
CG2 TPO B 266 0.49 -6.22 -28.18
OG1 TPO B 266 2.73 -6.68 -29.01
P TPO B 266 2.64 -8.12 -29.71
O1P TPO B 266 3.29 -9.19 -28.73
O2P TPO B 266 3.39 -8.09 -31.11
O3P TPO B 266 1.12 -8.51 -29.98
C TPO B 266 4.06 -5.20 -27.10
O TPO B 266 4.70 -4.38 -27.75
N ILE B 267 4.64 -6.15 -26.35
CA ILE B 267 6.09 -6.20 -26.15
C ILE B 267 6.87 -6.49 -27.43
N ALA B 268 6.33 -7.34 -28.31
CA ALA B 268 7.01 -7.65 -29.56
C ALA B 268 6.98 -6.47 -30.53
N GLN B 269 5.94 -5.65 -30.45
CA GLN B 269 5.84 -4.44 -31.27
C GLN B 269 6.81 -3.36 -30.78
N SER B 270 7.07 -3.36 -29.48
CA SER B 270 8.01 -2.41 -28.88
C SER B 270 9.44 -2.67 -29.34
N LEU B 271 9.79 -3.96 -29.49
CA LEU B 271 11.12 -4.35 -29.96
C LEU B 271 11.31 -4.13 -31.47
N GLU B 272 10.21 -4.02 -32.21
CA GLU B 272 10.25 -3.75 -33.65
C GLU B 272 10.14 -2.26 -33.99
N HIS B 273 10.08 -1.40 -32.96
CA HIS B 273 9.92 0.03 -33.18
C HIS B 273 11.22 0.60 -33.71
N SER B 274 11.13 1.60 -34.58
CA SER B 274 12.31 2.23 -35.18
C SER B 274 13.24 2.84 -34.14
N TRP B 275 12.65 3.33 -33.06
CA TRP B 275 13.41 3.94 -31.98
C TRP B 275 14.23 2.92 -31.19
N ILE B 276 13.75 1.68 -31.12
CA ILE B 276 14.47 0.61 -30.42
C ILE B 276 15.24 -0.30 -31.39
N LYS B 277 14.69 -0.52 -32.58
CA LYS B 277 15.26 -1.48 -33.52
C LYS B 277 16.56 -0.99 -34.13
N ALA B 278 17.51 -1.92 -34.26
CA ALA B 278 18.77 -1.67 -34.96
C ALA B 278 18.52 -1.52 -36.45
S1 DTT C . -2.93 1.78 -5.53
C1 DTT C . -2.12 1.81 -3.90
C2 DTT C . -2.19 0.50 -3.12
O2 DTT C . -1.79 -0.59 -3.93
C3 DTT C . -3.60 0.31 -2.57
O3 DTT C . -3.73 1.13 -1.43
C4 DTT C . -3.95 -1.13 -2.18
S4 DTT C . -5.73 -1.34 -1.92
#